data_6Y7N
#
_entry.id   6Y7N
#
_cell.length_a   73.586
_cell.length_b   60.929
_cell.length_c   73.613
_cell.angle_alpha   90.000
_cell.angle_beta   90.000
_cell.angle_gamma   90.000
#
_symmetry.space_group_name_H-M   'P 1 21 1'
#
loop_
_entity.id
_entity.type
_entity.pdbx_description
1 polymer Tako8
2 water water
#
_entity_poly.entity_id   1
_entity_poly.type   'polypeptide(L)'
_entity_poly.pdbx_seq_one_letter_code
;GSHMGQSLRTLQGHQSAVTSLQFNDNIVVSGSDDSTVKVWDIKTGQSLRTLQGHQSAVTSLQFNDNIVVSGSDDSTVKVW
DIKTGQSLRTLQGHQSAVTSLQFNDNIVVSGSDDSTVKVWDIKTGQSLRTLQGHQSAVTSLQFNDNIVVSGSDDSTVKVW
DIKTGQSLRTLQGHQSAVTSLQFNDNIVVSGSDDSTVKVWDIKTGQSLRTLQGHQSAVTSLQFNDNIVVSGSDDSTVKVW
DIKTGQSLRTLQGHQSAVTSLQFNDNIVVSGSDDSTVKVWDIKTGQSLRTLQGHQSAVTSLQFNDNIVVSGSDDSTVKVW
DIKGS
;
_entity_poly.pdbx_strand_id   A,B
#
# COMPACT_ATOMS: atom_id res chain seq x y z
N GLY A 5 21.31 21.52 5.11
CA GLY A 5 20.49 20.32 5.25
C GLY A 5 20.12 19.98 6.68
N GLN A 6 19.95 21.01 7.50
CA GLN A 6 19.67 20.84 8.92
C GLN A 6 18.17 20.78 9.17
N SER A 7 17.77 19.91 10.10
CA SER A 7 16.39 19.87 10.55
C SER A 7 16.10 21.09 11.41
N LEU A 8 15.10 21.88 11.02
CA LEU A 8 14.77 23.09 11.77
C LEU A 8 13.85 22.78 12.95
N ARG A 9 12.82 21.98 12.72
CA ARG A 9 11.90 21.61 13.78
C ARG A 9 11.14 20.37 13.38
N THR A 10 10.63 19.66 14.39
CA THR A 10 9.86 18.44 14.21
C THR A 10 8.46 18.67 14.76
N LEU A 11 7.44 18.39 13.94
CA LEU A 11 6.05 18.64 14.29
C LEU A 11 5.45 17.33 14.78
N GLN A 12 5.24 17.23 16.09
CA GLN A 12 4.74 16.01 16.71
C GLN A 12 3.32 16.22 17.22
N GLY A 13 2.49 15.20 17.05
CA GLY A 13 1.11 15.28 17.47
C GLY A 13 0.26 14.15 16.92
N HIS A 14 0.51 13.77 15.66
CA HIS A 14 -0.19 12.62 15.10
C HIS A 14 0.18 11.36 15.86
N GLN A 15 -0.77 10.44 15.95
CA GLN A 15 -0.59 9.20 16.70
C GLN A 15 -0.18 8.03 15.81
N SER A 16 -0.15 8.21 14.50
CA SER A 16 0.32 7.20 13.56
C SER A 16 0.82 7.91 12.31
N ALA A 17 1.14 7.12 11.28
CA ALA A 17 1.89 7.62 10.13
C ALA A 17 1.24 8.82 9.48
N VAL A 18 2.06 9.78 9.06
CA VAL A 18 1.61 10.88 8.22
C VAL A 18 1.54 10.37 6.77
N THR A 19 0.40 10.58 6.13
CA THR A 19 0.16 10.07 4.78
C THR A 19 0.24 11.14 3.70
N SER A 20 0.05 12.40 4.06
CA SER A 20 -0.06 13.47 3.07
C SER A 20 0.19 14.80 3.76
N LEU A 21 0.65 15.78 2.99
CA LEU A 21 0.92 17.10 3.53
C LEU A 21 0.93 18.13 2.41
N GLN A 22 0.72 19.38 2.80
CA GLN A 22 0.85 20.55 1.94
C GLN A 22 1.21 21.72 2.82
N PHE A 23 1.97 22.68 2.29
CA PHE A 23 2.29 23.87 3.06
C PHE A 23 2.35 25.10 2.15
N ASN A 24 2.26 26.27 2.78
CA ASN A 24 2.52 27.54 2.11
C ASN A 24 3.46 28.35 3.01
N ASP A 25 3.45 29.67 2.85
CA ASP A 25 4.36 30.50 3.63
C ASP A 25 4.02 30.52 5.11
N ASN A 26 2.79 30.20 5.47
CA ASN A 26 2.32 30.35 6.85
C ASN A 26 2.11 29.03 7.58
N ILE A 27 1.53 28.02 6.93
CA ILE A 27 1.04 26.84 7.65
C ILE A 27 1.43 25.57 6.93
N VAL A 28 1.44 24.48 7.69
CA VAL A 28 1.51 23.11 7.17
C VAL A 28 0.20 22.43 7.51
N VAL A 29 -0.32 21.65 6.58
CA VAL A 29 -1.49 20.82 6.80
C VAL A 29 -1.10 19.37 6.52
N SER A 30 -1.34 18.50 7.50
CA SER A 30 -0.93 17.10 7.41
C SER A 30 -2.12 16.17 7.64
N GLY A 31 -2.11 15.03 6.95
CA GLY A 31 -3.10 13.99 7.15
C GLY A 31 -2.42 12.72 7.61
N SER A 32 -3.15 11.91 8.39
CA SER A 32 -2.53 10.79 9.09
C SER A 32 -3.44 9.58 9.13
N ASP A 33 -2.81 8.41 9.31
CA ASP A 33 -3.53 7.18 9.57
C ASP A 33 -4.32 7.22 10.88
N ASP A 34 -4.12 8.23 11.72
CA ASP A 34 -4.88 8.36 12.96
C ASP A 34 -6.27 8.97 12.75
N SER A 35 -6.64 9.23 11.49
CA SER A 35 -7.94 9.72 11.00
C SER A 35 -8.09 11.23 11.13
N THR A 36 -7.06 11.96 11.54
CA THR A 36 -7.16 13.40 11.71
C THR A 36 -6.35 14.14 10.67
N VAL A 37 -6.68 15.42 10.51
CA VAL A 37 -5.88 16.40 9.79
C VAL A 37 -5.44 17.45 10.80
N LYS A 38 -4.16 17.80 10.77
CA LYS A 38 -3.64 18.81 11.68
C LYS A 38 -3.10 20.01 10.90
N VAL A 39 -3.33 21.20 11.44
CA VAL A 39 -2.85 22.46 10.87
C VAL A 39 -1.77 23.00 11.80
N TRP A 40 -0.62 23.34 11.23
CA TRP A 40 0.55 23.73 12.00
C TRP A 40 1.06 25.10 11.56
N ASP A 41 1.58 25.87 12.53
CA ASP A 41 2.36 27.06 12.23
C ASP A 41 3.75 26.62 11.79
N ILE A 42 4.11 26.94 10.54
CA ILE A 42 5.37 26.44 9.99
C ILE A 42 6.58 27.13 10.60
N LYS A 43 6.42 28.36 11.10
CA LYS A 43 7.56 29.08 11.65
C LYS A 43 7.87 28.63 13.08
N THR A 44 6.86 28.31 13.87
CA THR A 44 7.05 27.88 15.24
C THR A 44 6.95 26.38 15.43
N GLY A 45 6.38 25.66 14.46
CA GLY A 45 6.16 24.24 14.61
C GLY A 45 4.96 23.87 15.46
N GLN A 46 4.18 24.86 15.90
CA GLN A 46 3.08 24.63 16.82
C GLN A 46 1.83 24.17 16.07
N SER A 47 1.20 23.11 16.55
CA SER A 47 -0.08 22.71 16.01
C SER A 47 -1.14 23.75 16.40
N LEU A 48 -1.91 24.20 15.40
CA LEU A 48 -2.95 25.20 15.61
C LEU A 48 -4.32 24.57 15.78
N ARG A 49 -4.66 23.58 14.95
CA ARG A 49 -5.96 22.94 15.02
C ARG A 49 -5.81 21.47 14.66
N THR A 50 -6.67 20.64 15.24
CA THR A 50 -6.80 19.24 14.87
C THR A 50 -8.21 19.03 14.33
N LEU A 51 -8.30 18.59 13.08
CA LEU A 51 -9.58 18.42 12.39
C LEU A 51 -10.03 16.98 12.61
N GLN A 52 -11.03 16.79 13.48
CA GLN A 52 -11.52 15.48 13.85
C GLN A 52 -12.90 15.24 13.25
N GLY A 53 -13.11 14.04 12.73
CA GLY A 53 -14.36 13.73 12.07
C GLY A 53 -14.33 12.46 11.25
N HIS A 54 -13.24 12.25 10.51
CA HIS A 54 -13.12 11.02 9.73
C HIS A 54 -13.07 9.81 10.65
N GLN A 55 -13.59 8.68 10.16
CA GLN A 55 -13.66 7.47 10.96
C GLN A 55 -12.48 6.55 10.75
N SER A 56 -11.65 6.81 9.74
CA SER A 56 -10.45 6.02 9.50
C SER A 56 -9.44 6.92 8.81
N ALA A 57 -8.34 6.32 8.33
CA ALA A 57 -7.16 7.07 7.90
C ALA A 57 -7.51 8.13 6.86
N VAL A 58 -6.83 9.27 6.98
CA VAL A 58 -6.85 10.29 5.93
C VAL A 58 -5.83 9.90 4.87
N THR A 59 -6.26 9.87 3.61
CA THR A 59 -5.41 9.42 2.51
C THR A 59 -4.90 10.55 1.64
N SER A 60 -5.58 11.69 1.64
CA SER A 60 -5.28 12.77 0.71
C SER A 60 -5.85 14.06 1.25
N LEU A 61 -5.23 15.18 0.87
CA LEU A 61 -5.70 16.48 1.32
C LEU A 61 -5.23 17.56 0.36
N GLN A 62 -5.91 18.70 0.44
CA GLN A 62 -5.51 19.92 -0.24
C GLN A 62 -6.15 21.08 0.52
N PHE A 63 -5.48 22.22 0.54
CA PHE A 63 -6.02 23.39 1.22
C PHE A 63 -5.70 24.66 0.44
N ASN A 64 -6.52 25.68 0.67
CA ASN A 64 -6.21 27.04 0.26
C ASN A 64 -6.26 27.96 1.49
N ASP A 65 -6.53 29.24 1.29
CA ASP A 65 -6.52 30.17 2.41
C ASP A 65 -7.66 29.91 3.38
N ASN A 66 -8.80 29.46 2.89
CA ASN A 66 -10.00 29.37 3.72
C ASN A 66 -10.31 27.96 4.19
N ILE A 67 -10.11 26.94 3.36
CA ILE A 67 -10.67 25.63 3.63
C ILE A 67 -9.62 24.53 3.44
N VAL A 68 -9.90 23.39 4.06
CA VAL A 68 -9.18 22.15 3.84
C VAL A 68 -10.17 21.13 3.29
N VAL A 69 -9.72 20.34 2.31
CA VAL A 69 -10.50 19.25 1.75
C VAL A 69 -9.71 17.97 1.94
N SER A 70 -10.31 16.98 2.59
CA SER A 70 -9.63 15.74 2.96
C SER A 70 -10.42 14.53 2.46
N GLY A 71 -9.69 13.49 2.08
CA GLY A 71 -10.29 12.21 1.71
C GLY A 71 -9.80 11.13 2.65
N SER A 72 -10.63 10.09 2.82
CA SER A 72 -10.39 9.12 3.88
C SER A 72 -10.76 7.72 3.45
N ASP A 73 -10.17 6.74 4.15
CA ASP A 73 -10.56 5.35 4.01
C ASP A 73 -11.99 5.10 4.44
N ASP A 74 -12.65 6.07 5.08
CA ASP A 74 -14.05 5.89 5.46
C ASP A 74 -15.02 6.16 4.31
N SER A 75 -14.48 6.40 3.11
CA SER A 75 -15.19 6.60 1.83
C SER A 75 -15.74 8.01 1.67
N THR A 76 -15.44 8.94 2.58
CA THR A 76 -15.99 10.28 2.48
C THR A 76 -14.90 11.30 2.17
N VAL A 77 -15.34 12.45 1.66
CA VAL A 77 -14.54 13.65 1.56
C VAL A 77 -15.14 14.68 2.50
N LYS A 78 -14.29 15.39 3.24
CA LYS A 78 -14.75 16.41 4.18
C LYS A 78 -14.16 17.76 3.82
N VAL A 79 -14.97 18.81 3.99
CA VAL A 79 -14.55 20.20 3.78
C VAL A 79 -14.52 20.87 5.14
N TRP A 80 -13.41 21.54 5.45
CA TRP A 80 -13.19 22.10 6.77
C TRP A 80 -12.94 23.60 6.69
N ASP A 81 -13.35 24.30 7.74
CA ASP A 81 -12.97 25.70 7.93
C ASP A 81 -11.61 25.72 8.62
N ILE A 82 -10.58 26.18 7.90
CA ILE A 82 -9.21 26.07 8.38
C ILE A 82 -8.94 27.00 9.56
N LYS A 83 -9.75 28.04 9.74
CA LYS A 83 -9.57 28.95 10.85
C LYS A 83 -10.25 28.45 12.13
N THR A 84 -11.46 27.93 12.01
CA THR A 84 -12.19 27.43 13.18
C THR A 84 -11.94 25.96 13.45
N GLY A 85 -11.51 25.20 12.45
CA GLY A 85 -11.29 23.78 12.63
C GLY A 85 -12.55 22.94 12.60
N GLN A 86 -13.68 23.52 12.22
CA GLN A 86 -14.95 22.79 12.21
C GLN A 86 -15.21 22.19 10.85
N SER A 87 -15.85 21.02 10.85
CA SER A 87 -16.29 20.40 9.62
C SER A 87 -17.45 21.19 9.03
N LEU A 88 -17.30 21.61 7.78
CA LEU A 88 -18.38 22.35 7.12
C LEU A 88 -19.40 21.42 6.48
N ARG A 89 -18.94 20.39 5.80
CA ARG A 89 -19.84 19.43 5.17
C ARG A 89 -19.07 18.16 4.86
N THR A 90 -19.81 17.05 4.76
CA THR A 90 -19.26 15.74 4.45
C THR A 90 -19.85 15.27 3.14
N LEU A 91 -18.98 14.91 2.19
CA LEU A 91 -19.39 14.52 0.85
C LEU A 91 -19.44 13.00 0.82
N GLN A 92 -20.65 12.45 0.82
CA GLN A 92 -20.85 11.01 0.84
C GLN A 92 -21.39 10.54 -0.51
N GLY A 93 -20.92 9.37 -0.94
CA GLY A 93 -21.31 8.85 -2.23
C GLY A 93 -20.44 7.70 -2.66
N HIS A 94 -19.13 7.83 -2.45
CA HIS A 94 -18.23 6.72 -2.77
C HIS A 94 -18.55 5.51 -1.89
N GLN A 95 -18.38 4.33 -2.47
CA GLN A 95 -18.69 3.09 -1.76
C GLN A 95 -17.49 2.46 -1.08
N SER A 96 -16.30 2.99 -1.29
CA SER A 96 -15.10 2.54 -0.60
C SER A 96 -14.13 3.71 -0.53
N ALA A 97 -12.91 3.42 -0.07
CA ALA A 97 -11.97 4.47 0.32
C ALA A 97 -11.72 5.49 -0.79
N VAL A 98 -11.63 6.76 -0.39
CA VAL A 98 -11.17 7.80 -1.30
C VAL A 98 -9.65 7.77 -1.34
N THR A 99 -9.09 7.71 -2.55
CA THR A 99 -7.65 7.56 -2.74
C THR A 99 -6.96 8.84 -3.16
N SER A 100 -7.69 9.80 -3.72
CA SER A 100 -7.09 10.98 -4.33
C SER A 100 -8.16 12.05 -4.46
N LEU A 101 -7.71 13.31 -4.48
CA LEU A 101 -8.64 14.42 -4.65
C LEU A 101 -7.89 15.66 -5.11
N GLN A 102 -8.65 16.57 -5.71
CA GLN A 102 -8.18 17.90 -6.08
C GLN A 102 -9.39 18.81 -6.08
N PHE A 103 -9.17 20.09 -5.78
CA PHE A 103 -10.28 21.04 -5.81
C PHE A 103 -9.81 22.41 -6.27
N ASN A 104 -10.77 23.18 -6.79
CA ASN A 104 -10.60 24.62 -6.95
C ASN A 104 -11.74 25.33 -6.22
N ASP A 105 -12.01 26.58 -6.57
CA ASP A 105 -13.01 27.35 -5.82
C ASP A 105 -14.43 26.85 -6.04
N ASN A 106 -14.68 26.11 -7.11
CA ASN A 106 -16.03 25.65 -7.41
C ASN A 106 -16.25 24.16 -7.21
N ILE A 107 -15.22 23.35 -7.42
CA ILE A 107 -15.39 21.92 -7.66
C ILE A 107 -14.40 21.13 -6.82
N VAL A 108 -14.85 19.99 -6.28
CA VAL A 108 -13.99 18.94 -5.76
C VAL A 108 -14.09 17.74 -6.70
N VAL A 109 -12.95 17.12 -6.99
CA VAL A 109 -12.91 15.90 -7.77
C VAL A 109 -12.21 14.84 -6.93
N SER A 110 -12.85 13.69 -6.75
CA SER A 110 -12.34 12.63 -5.89
C SER A 110 -12.27 11.31 -6.65
N GLY A 111 -11.26 10.51 -6.33
CA GLY A 111 -11.14 9.17 -6.86
C GLY A 111 -11.18 8.14 -5.74
N SER A 112 -11.65 6.94 -6.06
CA SER A 112 -11.97 5.98 -5.02
C SER A 112 -11.62 4.56 -5.44
N ASP A 113 -11.42 3.71 -4.42
CA ASP A 113 -11.29 2.28 -4.63
C ASP A 113 -12.54 1.65 -5.23
N ASP A 114 -13.66 2.37 -5.29
CA ASP A 114 -14.88 1.85 -5.90
C ASP A 114 -14.87 1.96 -7.42
N SER A 115 -13.75 2.41 -8.00
CA SER A 115 -13.45 2.51 -9.43
C SER A 115 -14.06 3.75 -10.08
N THR A 116 -14.66 4.66 -9.32
CA THR A 116 -15.28 5.83 -9.89
C THR A 116 -14.52 7.09 -9.51
N VAL A 117 -14.78 8.14 -10.29
CA VAL A 117 -14.40 9.51 -9.97
C VAL A 117 -15.69 10.29 -9.79
N LYS A 118 -15.76 11.10 -8.74
CA LYS A 118 -16.94 11.92 -8.48
C LYS A 118 -16.57 13.39 -8.48
N VAL A 119 -17.46 14.20 -9.05
CA VAL A 119 -17.31 15.66 -9.13
C VAL A 119 -18.35 16.28 -8.22
N TRP A 120 -17.91 17.17 -7.33
CA TRP A 120 -18.75 17.73 -6.29
C TRP A 120 -18.77 19.25 -6.34
N ASP A 121 -19.92 19.83 -6.01
CA ASP A 121 -20.00 21.26 -5.73
C ASP A 121 -19.44 21.51 -4.33
N ILE A 122 -18.36 22.29 -4.25
CA ILE A 122 -17.68 22.45 -2.98
C ILE A 122 -18.47 23.32 -2.01
N LYS A 123 -19.34 24.20 -2.53
CA LYS A 123 -20.10 25.09 -1.67
C LYS A 123 -21.31 24.38 -1.06
N THR A 124 -21.96 23.50 -1.82
CA THR A 124 -23.14 22.80 -1.34
C THR A 124 -22.86 21.37 -0.88
N GLY A 125 -21.72 20.81 -1.25
CA GLY A 125 -21.42 19.42 -0.95
C GLY A 125 -22.12 18.42 -1.84
N GLN A 126 -22.86 18.88 -2.85
CA GLN A 126 -23.64 18.00 -3.70
C GLN A 126 -22.78 17.39 -4.80
N SER A 127 -22.88 16.07 -4.96
CA SER A 127 -22.25 15.42 -6.10
C SER A 127 -22.95 15.85 -7.38
N LEU A 128 -22.16 16.21 -8.38
CA LEU A 128 -22.67 16.65 -9.67
C LEU A 128 -22.60 15.57 -10.73
N ARG A 129 -21.48 14.84 -10.81
CA ARG A 129 -21.33 13.76 -11.77
C ARG A 129 -20.58 12.60 -11.12
N THR A 130 -20.88 11.40 -11.57
CA THR A 130 -20.09 10.21 -11.24
C THR A 130 -19.52 9.67 -12.54
N LEU A 131 -18.19 9.64 -12.64
CA LEU A 131 -17.49 9.20 -13.84
C LEU A 131 -17.26 7.70 -13.74
N GLN A 132 -18.03 6.92 -14.49
CA GLN A 132 -17.95 5.46 -14.46
C GLN A 132 -17.31 4.94 -15.73
N GLY A 133 -16.44 3.95 -15.59
CA GLY A 133 -15.74 3.40 -16.73
C GLY A 133 -14.57 2.52 -16.35
N HIS A 134 -13.80 2.94 -15.34
CA HIS A 134 -12.68 2.13 -14.89
C HIS A 134 -13.18 0.81 -14.33
N GLN A 135 -12.35 -0.23 -14.47
CA GLN A 135 -12.72 -1.57 -14.04
C GLN A 135 -12.23 -1.89 -12.63
N SER A 136 -11.37 -1.07 -12.06
CA SER A 136 -10.89 -1.25 -10.70
C SER A 136 -10.49 0.11 -10.15
N ALA A 137 -9.85 0.11 -8.99
CA ALA A 137 -9.68 1.33 -8.20
C ALA A 137 -9.03 2.46 -9.00
N VAL A 138 -9.50 3.67 -8.74
CA VAL A 138 -8.82 4.88 -9.23
C VAL A 138 -7.70 5.21 -8.26
N THR A 139 -6.49 5.38 -8.79
CA THR A 139 -5.31 5.62 -7.98
C THR A 139 -4.84 7.07 -7.99
N SER A 140 -5.18 7.82 -9.04
CA SER A 140 -4.61 9.14 -9.26
C SER A 140 -5.56 9.92 -10.16
N LEU A 141 -5.53 11.25 -10.01
CA LEU A 141 -6.37 12.10 -10.86
C LEU A 141 -5.81 13.51 -10.88
N GLN A 142 -6.20 14.25 -11.91
CA GLN A 142 -5.96 15.67 -12.04
C GLN A 142 -7.06 16.22 -12.92
N PHE A 143 -7.38 17.51 -12.76
CA PHE A 143 -8.42 18.11 -13.57
C PHE A 143 -8.15 19.59 -13.80
N ASN A 144 -8.71 20.10 -14.89
N ASN A 144 -8.70 20.08 -14.91
CA ASN A 144 -8.76 21.54 -15.12
CA ASN A 144 -8.73 21.50 -15.25
C ASN A 144 -10.21 21.97 -15.32
C ASN A 144 -10.20 21.94 -15.39
N ASP A 145 -10.42 23.11 -15.99
CA ASP A 145 -11.77 23.59 -16.19
C ASP A 145 -12.58 22.68 -17.10
N ASN A 146 -11.92 22.03 -18.07
CA ASN A 146 -12.62 21.25 -19.08
C ASN A 146 -12.67 19.76 -18.76
N ILE A 147 -11.54 19.17 -18.36
CA ILE A 147 -11.42 17.72 -18.36
C ILE A 147 -10.90 17.20 -17.03
N VAL A 148 -11.15 15.92 -16.80
CA VAL A 148 -10.55 15.15 -15.71
C VAL A 148 -9.72 14.04 -16.35
N VAL A 149 -8.54 13.80 -15.79
CA VAL A 149 -7.67 12.70 -16.20
C VAL A 149 -7.46 11.79 -15.00
N SER A 150 -7.77 10.51 -15.17
CA SER A 150 -7.70 9.55 -14.07
C SER A 150 -6.85 8.35 -14.45
N GLY A 151 -6.17 7.78 -13.45
CA GLY A 151 -5.42 6.55 -13.61
C GLY A 151 -5.97 5.50 -12.67
N SER A 152 -5.81 4.23 -13.05
CA SER A 152 -6.52 3.15 -12.37
C SER A 152 -5.68 1.89 -12.29
N ASP A 153 -6.04 1.04 -11.32
CA ASP A 153 -5.48 -0.30 -11.22
C ASP A 153 -5.78 -1.15 -12.44
N ASP A 154 -6.70 -0.73 -13.30
CA ASP A 154 -7.01 -1.49 -14.51
C ASP A 154 -6.01 -1.26 -15.64
N SER A 155 -4.93 -0.52 -15.35
CA SER A 155 -3.78 -0.22 -16.22
C SER A 155 -4.07 0.88 -17.23
N THR A 156 -5.22 1.54 -17.17
CA THR A 156 -5.56 2.57 -18.14
C THR A 156 -5.57 3.96 -17.51
N VAL A 157 -5.43 4.95 -18.38
CA VAL A 157 -5.71 6.35 -18.07
C VAL A 157 -6.93 6.75 -18.88
N LYS A 158 -7.87 7.45 -18.25
CA LYS A 158 -9.08 7.89 -18.93
C LYS A 158 -9.18 9.41 -18.88
N VAL A 159 -9.67 9.99 -19.98
CA VAL A 159 -9.90 11.43 -20.10
C VAL A 159 -11.41 11.64 -20.15
N TRP A 160 -11.91 12.53 -19.30
CA TRP A 160 -13.33 12.74 -19.12
C TRP A 160 -13.73 14.18 -19.41
N ASP A 161 -14.95 14.36 -19.89
CA ASP A 161 -15.56 15.68 -20.00
C ASP A 161 -16.23 15.98 -18.66
N ILE A 162 -15.66 16.95 -17.92
CA ILE A 162 -16.13 17.21 -16.57
C ILE A 162 -17.52 17.83 -16.54
N LYS A 163 -17.99 18.37 -17.66
CA LYS A 163 -19.33 18.96 -17.70
C LYS A 163 -20.39 17.90 -17.98
N THR A 164 -20.13 17.02 -18.95
CA THR A 164 -21.09 15.99 -19.32
C THR A 164 -20.93 14.70 -18.54
N GLY A 165 -19.77 14.49 -17.91
CA GLY A 165 -19.50 13.23 -17.25
C GLY A 165 -19.17 12.08 -18.17
N GLN A 166 -18.93 12.37 -19.45
CA GLN A 166 -18.69 11.34 -20.45
C GLN A 166 -17.20 11.05 -20.58
N SER A 167 -16.87 9.77 -20.74
CA SER A 167 -15.50 9.37 -21.04
C SER A 167 -15.16 9.78 -22.47
N LEU A 168 -14.12 10.60 -22.64
CA LEU A 168 -13.74 11.05 -23.97
C LEU A 168 -12.87 10.02 -24.68
N ARG A 169 -11.88 9.46 -23.98
CA ARG A 169 -11.02 8.45 -24.58
C ARG A 169 -10.31 7.70 -23.46
N THR A 170 -9.86 6.49 -23.79
CA THR A 170 -9.15 5.63 -22.86
C THR A 170 -7.75 5.37 -23.41
N LEU A 171 -6.74 5.63 -22.58
CA LEU A 171 -5.34 5.53 -22.98
C LEU A 171 -4.82 4.18 -22.51
N GLN A 172 -4.62 3.26 -23.45
CA GLN A 172 -4.20 1.91 -23.14
C GLN A 172 -2.77 1.68 -23.62
N GLY A 173 -2.00 0.95 -22.83
CA GLY A 173 -0.62 0.70 -23.18
C GLY A 173 0.17 0.13 -22.01
N HIS A 174 -0.08 0.64 -20.80
CA HIS A 174 0.56 0.09 -19.62
C HIS A 174 0.12 -1.36 -19.42
N GLN A 175 1.03 -2.16 -18.88
CA GLN A 175 0.77 -3.58 -18.65
C GLN A 175 0.28 -3.88 -17.25
N SER A 176 0.34 -2.91 -16.34
CA SER A 176 -0.19 -3.07 -14.99
C SER A 176 -0.63 -1.70 -14.48
N ALA A 177 -0.97 -1.64 -13.19
CA ALA A 177 -1.67 -0.49 -12.64
C ALA A 177 -0.94 0.82 -12.90
N VAL A 178 -1.71 1.86 -13.20
CA VAL A 178 -1.19 3.23 -13.24
C VAL A 178 -1.13 3.75 -11.81
N THR A 179 0.03 4.27 -11.42
CA THR A 179 0.27 4.70 -10.05
C THR A 179 0.29 6.21 -9.90
N SER A 180 0.52 6.96 -10.97
CA SER A 180 0.74 8.39 -10.90
C SER A 180 0.53 8.99 -12.27
N LEU A 181 0.16 10.27 -12.29
CA LEU A 181 -0.04 10.96 -13.56
C LEU A 181 0.01 12.47 -13.34
N GLN A 182 0.30 13.17 -14.44
CA GLN A 182 0.24 14.62 -14.51
C GLN A 182 -0.04 14.99 -15.97
N PHE A 183 -0.76 16.09 -16.17
CA PHE A 183 -1.05 16.51 -17.54
C PHE A 183 -1.04 18.04 -17.63
N ASN A 184 -0.88 18.52 -18.86
CA ASN A 184 -1.09 19.92 -19.20
C ASN A 184 -2.04 19.95 -20.40
N ASP A 185 -2.03 21.06 -21.13
CA ASP A 185 -2.99 21.22 -22.23
C ASP A 185 -2.66 20.34 -23.43
N ASN A 186 -1.48 19.75 -23.50
CA ASN A 186 -1.11 18.94 -24.65
C ASN A 186 -0.74 17.51 -24.30
N ILE A 187 -0.24 17.24 -23.10
CA ILE A 187 0.47 16.01 -22.78
C ILE A 187 -0.06 15.42 -21.49
N VAL A 188 -0.24 14.11 -21.47
CA VAL A 188 -0.41 13.33 -20.24
C VAL A 188 0.86 12.52 -20.03
N VAL A 189 1.33 12.46 -18.79
CA VAL A 189 2.46 11.63 -18.42
C VAL A 189 2.01 10.70 -17.30
N SER A 190 2.20 9.40 -17.48
CA SER A 190 1.70 8.40 -16.52
C SER A 190 2.83 7.48 -16.08
N GLY A 191 2.74 7.02 -14.83
CA GLY A 191 3.67 6.05 -14.30
C GLY A 191 2.93 4.80 -13.87
N SER A 192 3.61 3.66 -13.90
CA SER A 192 2.92 2.39 -13.76
C SER A 192 3.76 1.37 -13.01
N ASP A 193 3.07 0.39 -12.42
CA ASP A 193 3.72 -0.78 -11.84
C ASP A 193 4.51 -1.58 -12.87
N ASP A 194 4.32 -1.34 -14.16
CA ASP A 194 5.07 -2.06 -15.19
C ASP A 194 6.48 -1.51 -15.39
N SER A 195 6.89 -0.54 -14.56
CA SER A 195 8.21 0.09 -14.47
C SER A 195 8.44 1.16 -15.53
N THR A 196 7.44 1.49 -16.34
CA THR A 196 7.62 2.48 -17.39
C THR A 196 6.85 3.76 -17.08
N VAL A 197 7.28 4.83 -17.75
CA VAL A 197 6.55 6.08 -17.84
C VAL A 197 6.14 6.26 -19.29
N LYS A 198 4.89 6.65 -19.51
CA LYS A 198 4.40 6.87 -20.87
C LYS A 198 3.95 8.31 -21.05
N VAL A 199 4.22 8.85 -22.24
CA VAL A 199 3.83 10.20 -22.62
C VAL A 199 2.75 10.08 -23.69
N TRP A 200 1.63 10.76 -23.48
CA TRP A 200 0.46 10.63 -24.35
C TRP A 200 0.04 11.99 -24.88
N ASP A 201 -0.48 12.00 -26.11
CA ASP A 201 -1.19 13.15 -26.64
C ASP A 201 -2.59 13.18 -26.03
N ILE A 202 -2.89 14.26 -25.30
CA ILE A 202 -4.15 14.28 -24.55
C ILE A 202 -5.35 14.46 -25.48
N LYS A 203 -5.15 15.07 -26.64
CA LYS A 203 -6.26 15.32 -27.54
C LYS A 203 -6.62 14.10 -28.37
N THR A 204 -5.62 13.32 -28.77
CA THR A 204 -5.85 12.11 -29.57
C THR A 204 -5.86 10.83 -28.76
N GLY A 205 -5.29 10.85 -27.55
CA GLY A 205 -5.15 9.64 -26.77
C GLY A 205 -4.00 8.76 -27.17
N GLN A 206 -3.17 9.19 -28.12
CA GLN A 206 -2.09 8.37 -28.64
C GLN A 206 -0.87 8.46 -27.75
N SER A 207 -0.30 7.31 -27.42
CA SER A 207 0.99 7.29 -26.75
C SER A 207 2.08 7.76 -27.70
N LEU A 208 2.93 8.65 -27.22
CA LEU A 208 4.02 9.23 -28.00
C LEU A 208 5.38 8.61 -27.67
N ARG A 209 5.64 8.36 -26.39
CA ARG A 209 6.92 7.82 -25.95
C ARG A 209 6.69 6.89 -24.77
N THR A 210 7.50 5.83 -24.69
CA THR A 210 7.56 4.98 -23.50
C THR A 210 8.97 5.08 -22.93
N LEU A 211 9.06 5.57 -21.69
CA LEU A 211 10.33 5.78 -21.02
C LEU A 211 10.69 4.50 -20.27
N GLN A 212 11.65 3.75 -20.81
CA GLN A 212 12.08 2.48 -20.24
C GLN A 212 13.45 2.65 -19.59
N GLY A 213 13.61 2.05 -18.42
CA GLY A 213 14.86 2.17 -17.70
C GLY A 213 14.78 1.69 -16.26
N HIS A 214 13.70 2.05 -15.57
CA HIS A 214 13.52 1.60 -14.20
C HIS A 214 13.39 0.08 -14.15
N GLN A 215 13.87 -0.49 -13.05
CA GLN A 215 13.86 -1.94 -12.89
C GLN A 215 12.63 -2.46 -12.15
N SER A 216 11.82 -1.57 -11.59
CA SER A 216 10.58 -1.95 -10.92
C SER A 216 9.63 -0.77 -10.97
N ALA A 217 8.52 -0.88 -10.24
CA ALA A 217 7.39 0.03 -10.41
C ALA A 217 7.80 1.50 -10.27
N VAL A 218 7.18 2.35 -11.09
CA VAL A 218 7.28 3.79 -10.92
C VAL A 218 6.26 4.22 -9.88
N THR A 219 6.70 4.97 -8.87
CA THR A 219 5.85 5.37 -7.77
C THR A 219 5.42 6.82 -7.82
N SER A 220 6.17 7.67 -8.53
CA SER A 220 5.95 9.11 -8.49
C SER A 220 6.57 9.72 -9.74
N LEU A 221 6.02 10.85 -10.16
CA LEU A 221 6.56 11.53 -11.33
C LEU A 221 6.14 12.99 -11.32
N GLN A 222 6.89 13.79 -12.07
CA GLN A 222 6.57 15.17 -12.35
C GLN A 222 7.23 15.51 -13.68
N PHE A 223 6.64 16.44 -14.43
CA PHE A 223 7.22 16.83 -15.70
C PHE A 223 6.97 18.31 -15.96
N ASN A 224 7.81 18.88 -16.84
CA ASN A 224 7.57 20.20 -17.39
C ASN A 224 7.67 20.14 -18.91
N ASP A 225 8.08 21.24 -19.54
CA ASP A 225 8.08 21.27 -21.00
C ASP A 225 9.14 20.35 -21.58
N ASN A 226 10.30 20.26 -20.93
CA ASN A 226 11.43 19.55 -21.51
C ASN A 226 11.68 18.18 -20.90
N ILE A 227 11.44 18.01 -19.60
CA ILE A 227 11.92 16.83 -18.90
C ILE A 227 10.82 16.18 -18.09
N VAL A 228 11.01 14.90 -17.82
CA VAL A 228 10.23 14.13 -16.87
C VAL A 228 11.17 13.63 -15.77
N VAL A 229 10.71 13.70 -14.53
CA VAL A 229 11.45 13.17 -13.38
C VAL A 229 10.59 12.09 -12.73
N SER A 230 11.15 10.90 -12.57
CA SER A 230 10.40 9.75 -12.06
C SER A 230 11.14 9.11 -10.88
N GLY A 231 10.35 8.56 -9.95
CA GLY A 231 10.89 7.79 -8.84
C GLY A 231 10.33 6.39 -8.86
N SER A 232 11.09 5.44 -8.32
CA SER A 232 10.78 4.04 -8.54
C SER A 232 11.10 3.19 -7.31
N ASP A 233 10.46 2.03 -7.26
CA ASP A 233 10.79 1.02 -6.25
C ASP A 233 12.21 0.51 -6.39
N ASP A 234 12.89 0.80 -7.50
CA ASP A 234 14.28 0.37 -7.65
C ASP A 234 15.26 1.27 -6.93
N SER A 235 14.76 2.24 -6.16
CA SER A 235 15.49 3.18 -5.29
C SER A 235 16.12 4.33 -6.06
N THR A 236 15.85 4.49 -7.35
CA THR A 236 16.47 5.55 -8.13
C THR A 236 15.44 6.60 -8.54
N VAL A 237 15.97 7.78 -8.87
CA VAL A 237 15.24 8.82 -9.57
C VAL A 237 15.88 8.97 -10.94
N LYS A 238 15.05 9.06 -11.98
CA LYS A 238 15.55 9.21 -13.34
C LYS A 238 15.04 10.52 -13.95
N VAL A 239 15.89 11.16 -14.74
CA VAL A 239 15.56 12.37 -15.47
C VAL A 239 15.54 12.03 -16.96
N TRP A 240 14.45 12.39 -17.63
CA TRP A 240 14.23 11.99 -19.01
C TRP A 240 14.05 13.20 -19.91
N ASP A 241 14.49 13.06 -21.15
CA ASP A 241 14.17 14.03 -22.20
C ASP A 241 12.79 13.68 -22.76
N ILE A 242 11.81 14.54 -22.50
CA ILE A 242 10.43 14.21 -22.88
C ILE A 242 10.23 14.22 -24.38
N LYS A 243 11.09 14.89 -25.14
CA LYS A 243 10.95 14.92 -26.59
C LYS A 243 11.52 13.66 -27.23
N THR A 244 12.76 13.31 -26.87
CA THR A 244 13.41 12.14 -27.42
C THR A 244 13.08 10.86 -26.69
N GLY A 245 12.57 10.95 -25.46
CA GLY A 245 12.29 9.76 -24.67
C GLY A 245 13.50 9.06 -24.11
N GLN A 246 14.66 9.71 -24.09
CA GLN A 246 15.89 9.09 -23.63
C GLN A 246 16.16 9.45 -22.18
N SER A 247 16.75 8.50 -21.45
CA SER A 247 17.17 8.73 -20.08
C SER A 247 18.39 9.65 -20.05
N LEU A 248 18.25 10.81 -19.42
CA LEU A 248 19.35 11.76 -19.36
C LEU A 248 20.35 11.37 -18.27
N ARG A 249 19.85 11.03 -17.09
CA ARG A 249 20.72 10.64 -15.99
C ARG A 249 19.90 9.91 -14.94
N THR A 250 20.58 9.09 -14.15
CA THR A 250 19.96 8.31 -13.09
C THR A 250 20.56 8.76 -11.77
N LEU A 251 19.70 9.10 -10.81
CA LEU A 251 20.11 9.64 -9.52
C LEU A 251 20.09 8.51 -8.51
N GLN A 252 21.28 8.04 -8.13
CA GLN A 252 21.41 6.90 -7.22
C GLN A 252 21.96 7.37 -5.88
N GLY A 253 21.45 6.76 -4.81
CA GLY A 253 21.84 7.14 -3.47
C GLY A 253 20.91 6.61 -2.40
N HIS A 254 19.61 6.62 -2.69
CA HIS A 254 18.66 6.02 -1.75
C HIS A 254 18.91 4.53 -1.64
N GLN A 255 18.64 3.98 -0.45
CA GLN A 255 18.88 2.57 -0.19
C GLN A 255 17.63 1.71 -0.34
N SER A 256 16.47 2.32 -0.56
CA SER A 256 15.24 1.59 -0.82
C SER A 256 14.32 2.49 -1.64
N ALA A 257 13.07 2.05 -1.83
CA ALA A 257 12.18 2.64 -2.81
C ALA A 257 12.02 4.15 -2.62
N VAL A 258 11.99 4.88 -3.73
CA VAL A 258 11.60 6.28 -3.73
C VAL A 258 10.08 6.35 -3.68
N THR A 259 9.55 7.14 -2.73
CA THR A 259 8.10 7.20 -2.50
C THR A 259 7.47 8.50 -3.00
N SER A 260 8.27 9.55 -3.16
CA SER A 260 7.73 10.87 -3.47
C SER A 260 8.86 11.73 -4.02
N LEU A 261 8.49 12.73 -4.82
CA LEU A 261 9.48 13.63 -5.39
C LEU A 261 8.80 14.92 -5.82
N GLN A 262 9.63 15.96 -5.95
CA GLN A 262 9.24 17.24 -6.52
C GLN A 262 10.49 17.88 -7.09
N PHE A 263 10.34 18.66 -8.17
CA PHE A 263 11.50 19.34 -8.73
C PHE A 263 11.12 20.71 -9.24
N ASN A 264 12.14 21.57 -9.36
CA ASN A 264 12.02 22.81 -10.12
C ASN A 264 13.14 22.86 -11.15
N ASP A 265 13.50 24.06 -11.62
CA ASP A 265 14.50 24.16 -12.67
C ASP A 265 15.90 23.77 -12.18
N ASN A 266 16.16 23.88 -10.88
CA ASN A 266 17.49 23.63 -10.34
C ASN A 266 17.61 22.33 -9.56
N ILE A 267 16.55 21.92 -8.86
CA ILE A 267 16.67 20.98 -7.74
C ILE A 267 15.63 19.88 -7.88
N VAL A 268 16.03 18.65 -7.56
CA VAL A 268 15.11 17.54 -7.30
C VAL A 268 15.17 17.23 -5.82
N VAL A 269 14.01 16.99 -5.21
CA VAL A 269 13.92 16.55 -3.83
C VAL A 269 13.12 15.25 -3.81
N SER A 270 13.70 14.20 -3.21
CA SER A 270 13.10 12.87 -3.20
C SER A 270 12.97 12.35 -1.77
N GLY A 271 11.92 11.55 -1.55
CA GLY A 271 11.73 10.87 -0.28
C GLY A 271 11.69 9.37 -0.50
N SER A 272 12.09 8.62 0.53
CA SER A 272 12.35 7.20 0.34
C SER A 272 11.95 6.38 1.57
N ASP A 273 11.72 5.09 1.33
CA ASP A 273 11.52 4.13 2.41
C ASP A 273 12.75 4.00 3.30
N ASP A 274 13.91 4.52 2.90
CA ASP A 274 15.10 4.45 3.73
C ASP A 274 15.11 5.51 4.83
N SER A 275 14.03 6.28 4.95
CA SER A 275 13.75 7.30 5.98
C SER A 275 14.43 8.64 5.70
N THR A 276 15.08 8.81 4.56
CA THR A 276 15.78 10.06 4.27
C THR A 276 15.07 10.82 3.16
N VAL A 277 15.40 12.10 3.09
CA VAL A 277 15.06 12.96 1.97
C VAL A 277 16.38 13.41 1.35
N LYS A 278 16.48 13.36 0.03
CA LYS A 278 17.69 13.77 -0.66
C LYS A 278 17.41 14.93 -1.60
N VAL A 279 18.37 15.86 -1.68
CA VAL A 279 18.30 17.02 -2.55
C VAL A 279 19.36 16.85 -3.63
N TRP A 280 18.94 16.98 -4.89
CA TRP A 280 19.81 16.70 -6.03
C TRP A 280 19.88 17.90 -6.96
N ASP A 281 21.06 18.07 -7.58
CA ASP A 281 21.21 18.98 -8.71
C ASP A 281 20.63 18.30 -9.95
N ILE A 282 19.60 18.89 -10.54
CA ILE A 282 18.90 18.23 -11.64
C ILE A 282 19.73 18.26 -12.92
N LYS A 283 20.63 19.25 -13.07
CA LYS A 283 21.42 19.34 -14.30
C LYS A 283 22.56 18.34 -14.32
N THR A 284 23.18 18.09 -13.16
CA THR A 284 24.31 17.18 -13.07
C THR A 284 23.95 15.82 -12.50
N GLY A 285 22.80 15.69 -11.83
CA GLY A 285 22.43 14.46 -11.18
C GLY A 285 23.09 14.23 -9.84
N GLN A 286 23.87 15.18 -9.35
CA GLN A 286 24.63 14.98 -8.12
C GLN A 286 23.77 15.25 -6.89
N SER A 287 23.82 14.35 -5.93
CA SER A 287 23.18 14.61 -4.65
C SER A 287 23.93 15.71 -3.91
N LEU A 288 23.19 16.68 -3.39
CA LEU A 288 23.76 17.81 -2.67
C LEU A 288 23.66 17.65 -1.16
N ARG A 289 22.53 17.15 -0.66
CA ARG A 289 22.33 16.98 0.77
C ARG A 289 21.45 15.76 1.00
N THR A 290 21.71 15.08 2.11
CA THR A 290 20.84 14.01 2.60
C THR A 290 20.25 14.45 3.94
N LEU A 291 18.93 14.53 3.99
CA LEU A 291 18.22 15.01 5.17
C LEU A 291 17.90 13.81 6.05
N GLN A 292 18.62 13.66 7.15
CA GLN A 292 18.49 12.53 8.05
C GLN A 292 17.83 12.96 9.35
N GLY A 293 16.92 12.14 9.85
CA GLY A 293 16.20 12.47 11.06
C GLY A 293 14.98 11.62 11.31
N HIS A 294 14.21 11.35 10.26
CA HIS A 294 13.04 10.48 10.40
C HIS A 294 13.46 9.08 10.80
N GLN A 295 12.60 8.42 11.59
CA GLN A 295 12.90 7.10 12.09
C GLN A 295 12.35 5.98 11.22
N SER A 296 11.52 6.31 10.22
CA SER A 296 11.01 5.32 9.29
C SER A 296 10.68 6.05 7.99
N ALA A 297 10.03 5.33 7.07
CA ALA A 297 9.90 5.78 5.68
C ALA A 297 9.32 7.18 5.57
N VAL A 298 9.83 7.95 4.62
CA VAL A 298 9.22 9.21 4.23
C VAL A 298 8.09 8.91 3.25
N THR A 299 6.91 9.44 3.53
CA THR A 299 5.72 9.17 2.72
C THR A 299 5.32 10.32 1.82
N SER A 300 5.74 11.53 2.12
CA SER A 300 5.26 12.72 1.42
C SER A 300 6.24 13.86 1.66
N LEU A 301 6.30 14.79 0.71
CA LEU A 301 7.19 15.92 0.83
C LEU A 301 6.70 17.06 -0.06
N GLN A 302 7.19 18.25 0.25
CA GLN A 302 7.03 19.44 -0.56
C GLN A 302 8.18 20.39 -0.21
N PHE A 303 8.60 21.21 -1.17
CA PHE A 303 9.67 22.15 -0.91
C PHE A 303 9.44 23.44 -1.67
N ASN A 304 10.14 24.50 -1.23
CA ASN A 304 10.25 25.74 -1.98
C ASN A 304 11.71 26.20 -2.00
N ASP A 305 11.94 27.50 -2.08
CA ASP A 305 13.32 27.99 -2.22
C ASP A 305 14.13 27.73 -0.96
N ASN A 306 13.51 27.85 0.21
CA ASN A 306 14.24 27.83 1.48
C ASN A 306 14.15 26.51 2.22
N ILE A 307 13.00 25.83 2.18
CA ILE A 307 12.73 24.76 3.13
C ILE A 307 12.16 23.53 2.42
N VAL A 308 12.31 22.40 3.10
CA VAL A 308 11.65 21.14 2.74
C VAL A 308 10.76 20.74 3.90
N VAL A 309 9.56 20.25 3.59
CA VAL A 309 8.64 19.73 4.59
C VAL A 309 8.34 18.28 4.23
N SER A 310 8.57 17.37 5.19
CA SER A 310 8.46 15.93 4.95
C SER A 310 7.53 15.29 5.99
N GLY A 311 6.83 14.24 5.55
CA GLY A 311 6.00 13.45 6.44
C GLY A 311 6.47 12.00 6.40
N SER A 312 6.25 11.29 7.51
CA SER A 312 6.89 9.99 7.68
C SER A 312 5.98 9.02 8.40
N ASP A 313 6.27 7.72 8.20
CA ASP A 313 5.64 6.66 8.97
C ASP A 313 5.95 6.74 10.45
N ASP A 314 6.90 7.58 10.86
CA ASP A 314 7.19 7.73 12.29
C ASP A 314 6.22 8.68 12.98
N SER A 315 5.18 9.14 12.27
CA SER A 315 4.07 9.98 12.71
C SER A 315 4.44 11.46 12.81
N THR A 316 5.61 11.87 12.38
CA THR A 316 6.02 13.27 12.49
C THR A 316 6.10 13.94 11.13
N VAL A 317 6.04 15.26 11.17
CA VAL A 317 6.39 16.13 10.05
C VAL A 317 7.65 16.89 10.45
N LYS A 318 8.60 17.00 9.51
CA LYS A 318 9.83 17.72 9.76
C LYS A 318 10.00 18.86 8.76
N VAL A 319 10.53 19.98 9.24
CA VAL A 319 10.85 21.13 8.41
C VAL A 319 12.37 21.25 8.35
N TRP A 320 12.90 21.37 7.13
CA TRP A 320 14.34 21.33 6.91
C TRP A 320 14.81 22.61 6.22
N ASP A 321 16.05 22.99 6.53
CA ASP A 321 16.74 24.03 5.78
C ASP A 321 17.38 23.38 4.56
N ILE A 322 16.89 23.72 3.37
CA ILE A 322 17.33 23.05 2.15
C ILE A 322 18.76 23.40 1.79
N LYS A 323 19.27 24.53 2.27
CA LYS A 323 20.64 24.92 1.98
C LYS A 323 21.62 24.24 2.95
N GLY B 5 -19.93 -22.47 -7.18
CA GLY B 5 -19.23 -21.20 -7.08
C GLY B 5 -20.10 -20.03 -6.69
N GLN B 6 -21.07 -20.28 -5.82
CA GLN B 6 -22.06 -19.28 -5.45
C GLN B 6 -21.74 -18.66 -4.09
N SER B 7 -22.15 -17.41 -3.92
CA SER B 7 -22.01 -16.73 -2.65
C SER B 7 -23.01 -17.29 -1.65
N LEU B 8 -22.53 -17.78 -0.52
CA LEU B 8 -23.42 -18.34 0.49
C LEU B 8 -23.99 -17.25 1.39
N ARG B 9 -23.16 -16.32 1.84
CA ARG B 9 -23.63 -15.23 2.68
C ARG B 9 -22.57 -14.13 2.69
N THR B 10 -23.02 -12.92 3.01
CA THR B 10 -22.17 -11.76 3.08
C THR B 10 -22.17 -11.23 4.49
N LEU B 11 -20.98 -11.03 5.05
CA LEU B 11 -20.81 -10.65 6.45
C LEU B 11 -20.56 -9.15 6.47
N GLN B 12 -21.56 -8.39 6.89
CA GLN B 12 -21.50 -6.93 6.89
C GLN B 12 -21.43 -6.42 8.33
N GLY B 13 -20.66 -5.36 8.53
CA GLY B 13 -20.48 -4.81 9.86
C GLY B 13 -19.31 -3.85 9.94
N HIS B 14 -18.21 -4.19 9.26
CA HIS B 14 -17.08 -3.28 9.22
C HIS B 14 -17.46 -2.01 8.48
N GLN B 15 -16.85 -0.90 8.88
CA GLN B 15 -17.15 0.40 8.31
C GLN B 15 -16.18 0.83 7.22
N SER B 16 -15.09 0.08 7.03
CA SER B 16 -14.14 0.33 5.95
C SER B 16 -13.49 -1.00 5.58
N ALA B 17 -12.47 -0.92 4.73
CA ALA B 17 -11.92 -2.11 4.07
C ALA B 17 -11.51 -3.20 5.05
N VAL B 18 -11.80 -4.45 4.69
CA VAL B 18 -11.26 -5.60 5.40
C VAL B 18 -9.83 -5.83 4.91
N THR B 19 -8.89 -5.92 5.86
CA THR B 19 -7.47 -6.04 5.53
C THR B 19 -6.91 -7.43 5.74
N SER B 20 -7.56 -8.26 6.56
CA SER B 20 -7.00 -9.54 6.96
C SER B 20 -8.13 -10.41 7.48
N LEU B 21 -7.95 -11.72 7.39
CA LEU B 21 -8.95 -12.65 7.90
C LEU B 21 -8.32 -14.02 8.13
N GLN B 22 -8.97 -14.79 8.98
CA GLN B 22 -8.66 -16.20 9.20
C GLN B 22 -9.94 -16.87 9.66
N PHE B 23 -10.12 -18.15 9.30
CA PHE B 23 -11.32 -18.87 9.73
C PHE B 23 -10.98 -20.33 10.05
N ASN B 24 -11.89 -20.95 10.79
CA ASN B 24 -11.85 -22.40 11.03
C ASN B 24 -13.25 -22.94 10.77
N ASP B 25 -13.57 -24.09 11.37
CA ASP B 25 -14.85 -24.73 11.10
C ASP B 25 -16.04 -23.98 11.69
N ASN B 26 -15.82 -23.12 12.68
CA ASN B 26 -16.90 -22.41 13.34
C ASN B 26 -16.86 -20.90 13.18
N ILE B 27 -15.68 -20.31 13.07
CA ILE B 27 -15.48 -18.88 13.33
C ILE B 27 -14.70 -18.26 12.18
N VAL B 28 -15.12 -17.06 11.76
CA VAL B 28 -14.31 -16.16 10.95
C VAL B 28 -13.87 -15.01 11.83
N VAL B 29 -12.60 -14.61 11.70
CA VAL B 29 -12.07 -13.44 12.37
C VAL B 29 -11.52 -12.49 11.31
N SER B 30 -11.97 -11.25 11.32
CA SER B 30 -11.60 -10.27 10.29
C SER B 30 -11.02 -9.02 10.94
N GLY B 31 -10.10 -8.38 10.23
CA GLY B 31 -9.53 -7.12 10.64
C GLY B 31 -9.77 -6.07 9.58
N SER B 32 -9.87 -4.81 10.00
CA SER B 32 -10.36 -3.77 9.10
C SER B 32 -9.65 -2.44 9.33
N ASP B 33 -9.68 -1.61 8.29
CA ASP B 33 -9.23 -0.22 8.40
C ASP B 33 -10.05 0.58 9.40
N ASP B 34 -11.21 0.07 9.85
CA ASP B 34 -12.01 0.78 10.84
C ASP B 34 -11.48 0.61 12.26
N SER B 35 -10.34 -0.04 12.42
CA SER B 35 -9.58 -0.26 13.65
C SER B 35 -10.12 -1.38 14.51
N THR B 36 -11.13 -2.12 14.05
CA THR B 36 -11.71 -3.19 14.84
C THR B 36 -11.37 -4.56 14.26
N VAL B 37 -11.52 -5.55 15.12
CA VAL B 37 -11.52 -6.96 14.73
C VAL B 37 -12.92 -7.50 15.04
N LYS B 38 -13.48 -8.26 14.10
CA LYS B 38 -14.80 -8.84 14.30
C LYS B 38 -14.74 -10.35 14.24
N VAL B 39 -15.53 -11.00 15.10
CA VAL B 39 -15.63 -12.44 15.17
C VAL B 39 -17.01 -12.83 14.69
N TRP B 40 -17.08 -13.74 13.72
CA TRP B 40 -18.34 -14.10 13.07
C TRP B 40 -18.58 -15.60 13.16
N ASP B 41 -19.86 -15.96 13.27
CA ASP B 41 -20.29 -17.34 13.09
C ASP B 41 -20.29 -17.64 11.58
N ILE B 42 -19.47 -18.61 11.17
CA ILE B 42 -19.29 -18.85 9.75
C ILE B 42 -20.51 -19.53 9.14
N LYS B 43 -21.29 -20.25 9.93
CA LYS B 43 -22.46 -20.97 9.40
C LYS B 43 -23.66 -20.04 9.22
N THR B 44 -23.82 -19.05 10.10
CA THR B 44 -24.94 -18.13 10.04
C THR B 44 -24.59 -16.77 9.47
N GLY B 45 -23.29 -16.43 9.40
CA GLY B 45 -22.88 -15.11 8.98
C GLY B 45 -23.05 -14.03 10.03
N GLN B 46 -23.46 -14.40 11.24
CA GLN B 46 -23.73 -13.43 12.30
C GLN B 46 -22.46 -13.02 13.01
N SER B 47 -22.27 -11.71 13.16
CA SER B 47 -21.17 -11.22 13.99
C SER B 47 -21.47 -11.55 15.44
N LEU B 48 -20.46 -12.07 16.14
CA LEU B 48 -20.57 -12.43 17.55
C LEU B 48 -19.95 -11.41 18.48
N ARG B 49 -18.77 -10.88 18.14
CA ARG B 49 -18.11 -9.87 18.96
C ARG B 49 -17.41 -8.88 18.06
N THR B 50 -17.31 -7.64 18.53
CA THR B 50 -16.47 -6.62 17.91
C THR B 50 -15.39 -6.23 18.91
N LEU B 51 -14.14 -6.45 18.52
CA LEU B 51 -12.99 -6.20 19.39
C LEU B 51 -12.52 -4.77 19.16
N GLN B 52 -12.83 -3.89 20.12
CA GLN B 52 -12.51 -2.47 20.01
C GLN B 52 -11.36 -2.13 20.96
N GLY B 53 -10.44 -1.31 20.48
CA GLY B 53 -9.30 -0.94 21.28
C GLY B 53 -8.19 -0.28 20.50
N HIS B 54 -7.91 -0.79 19.31
CA HIS B 54 -6.89 -0.18 18.46
C HIS B 54 -7.32 1.23 18.05
N GLN B 55 -6.33 2.10 17.89
CA GLN B 55 -6.58 3.50 17.56
C GLN B 55 -6.52 3.78 16.07
N SER B 56 -6.10 2.83 15.26
CA SER B 56 -6.09 2.97 13.81
C SER B 56 -6.17 1.57 13.21
N ALA B 57 -5.99 1.49 11.88
CA ALA B 57 -6.32 0.29 11.13
C ALA B 57 -5.64 -0.96 11.70
N VAL B 58 -6.37 -2.08 11.66
CA VAL B 58 -5.77 -3.38 11.93
C VAL B 58 -5.15 -3.90 10.65
N THR B 59 -3.88 -4.30 10.72
CA THR B 59 -3.12 -4.72 9.56
C THR B 59 -2.94 -6.23 9.46
N SER B 60 -3.04 -6.94 10.57
CA SER B 60 -2.69 -8.35 10.62
C SER B 60 -3.38 -8.97 11.82
N LEU B 61 -3.66 -10.27 11.73
CA LEU B 61 -4.29 -10.97 12.84
C LEU B 61 -4.03 -12.46 12.72
N GLN B 62 -4.22 -13.15 13.84
CA GLN B 62 -4.22 -14.60 13.93
C GLN B 62 -5.02 -14.96 15.18
N PHE B 63 -5.64 -16.14 15.16
CA PHE B 63 -6.43 -16.58 16.30
C PHE B 63 -6.36 -18.09 16.47
N ASN B 64 -6.73 -18.54 17.66
CA ASN B 64 -6.95 -19.95 17.95
C ASN B 64 -8.26 -20.07 18.71
N ASP B 65 -8.42 -21.15 19.48
CA ASP B 65 -9.70 -21.39 20.15
C ASP B 65 -9.93 -20.45 21.33
N ASN B 66 -8.88 -19.86 21.89
CA ASN B 66 -9.03 -19.00 23.06
C ASN B 66 -8.86 -17.52 22.75
N ILE B 67 -7.88 -17.17 21.91
CA ILE B 67 -7.41 -15.79 21.83
C ILE B 67 -7.31 -15.35 20.37
N VAL B 68 -7.36 -14.03 20.19
CA VAL B 68 -7.03 -13.35 18.96
C VAL B 68 -5.83 -12.46 19.21
N VAL B 69 -4.90 -12.42 18.27
CA VAL B 69 -3.75 -11.52 18.32
C VAL B 69 -3.81 -10.63 17.09
N SER B 70 -3.77 -9.31 17.30
CA SER B 70 -3.93 -8.35 16.23
C SER B 70 -2.79 -7.34 16.23
N GLY B 71 -2.43 -6.88 15.03
CA GLY B 71 -1.46 -5.81 14.89
C GLY B 71 -2.09 -4.64 14.15
N SER B 72 -1.59 -3.44 14.43
CA SER B 72 -2.27 -2.23 14.00
C SER B 72 -1.29 -1.14 13.59
N ASP B 73 -1.81 -0.20 12.79
CA ASP B 73 -1.07 1.01 12.45
C ASP B 73 -0.78 1.88 13.68
N ASP B 74 -1.43 1.60 14.81
CA ASP B 74 -1.16 2.37 16.02
C ASP B 74 0.11 1.92 16.73
N SER B 75 0.87 1.00 16.12
CA SER B 75 2.17 0.46 16.54
C SER B 75 2.06 -0.59 17.64
N THR B 76 0.86 -1.04 18.00
CA THR B 76 0.71 -2.01 19.06
C THR B 76 0.24 -3.36 18.53
N VAL B 77 0.48 -4.38 19.34
CA VAL B 77 -0.14 -5.70 19.20
C VAL B 77 -1.06 -5.89 20.39
N LYS B 78 -2.27 -6.39 20.15
CA LYS B 78 -3.23 -6.64 21.22
C LYS B 78 -3.59 -8.11 21.26
N VAL B 79 -3.78 -8.63 22.48
CA VAL B 79 -4.21 -10.00 22.72
C VAL B 79 -5.62 -9.95 23.29
N TRP B 80 -6.54 -10.70 22.69
CA TRP B 80 -7.95 -10.62 23.03
C TRP B 80 -8.48 -11.98 23.48
N ASP B 81 -9.46 -11.96 24.37
CA ASP B 81 -10.22 -13.14 24.74
C ASP B 81 -11.36 -13.29 23.73
N ILE B 82 -11.27 -14.32 22.88
CA ILE B 82 -12.21 -14.46 21.77
C ILE B 82 -13.62 -14.79 22.25
N LYS B 83 -13.77 -15.33 23.47
CA LYS B 83 -15.10 -15.63 23.97
C LYS B 83 -15.76 -14.41 24.58
N THR B 84 -15.02 -13.63 25.36
CA THR B 84 -15.59 -12.44 25.99
C THR B 84 -15.42 -11.18 25.15
N GLY B 85 -14.52 -11.20 24.17
CA GLY B 85 -14.28 -10.01 23.37
C GLY B 85 -13.48 -8.93 24.07
N GLN B 86 -12.92 -9.21 25.24
CA GLN B 86 -12.19 -8.22 26.00
C GLN B 86 -10.70 -8.26 25.67
N SER B 87 -10.09 -7.08 25.71
CA SER B 87 -8.65 -6.97 25.50
C SER B 87 -7.92 -7.48 26.74
N LEU B 88 -7.07 -8.50 26.55
CA LEU B 88 -6.33 -9.06 27.68
C LEU B 88 -5.09 -8.23 28.00
N ARG B 89 -4.35 -7.83 26.97
CA ARG B 89 -3.15 -7.04 27.18
C ARG B 89 -2.75 -6.39 25.87
N THR B 90 -2.03 -5.27 25.98
CA THR B 90 -1.55 -4.52 24.84
C THR B 90 -0.02 -4.55 24.87
N LEU B 91 0.57 -4.93 23.75
CA LEU B 91 2.01 -5.11 23.64
C LEU B 91 2.59 -3.88 22.96
N GLN B 92 3.27 -3.04 23.74
CA GLN B 92 3.80 -1.77 23.25
C GLN B 92 5.31 -1.82 23.22
N GLY B 93 5.90 -1.20 22.19
CA GLY B 93 7.34 -1.22 22.03
C GLY B 93 7.77 -0.78 20.64
N HIS B 94 7.02 -1.19 19.63
CA HIS B 94 7.30 -0.73 18.27
C HIS B 94 7.08 0.77 18.18
N GLN B 95 7.86 1.43 17.32
CA GLN B 95 7.79 2.86 17.18
C GLN B 95 6.95 3.31 15.98
N SER B 96 6.48 2.37 15.17
CA SER B 96 5.59 2.67 14.06
C SER B 96 4.75 1.42 13.79
N ALA B 97 3.98 1.45 12.69
CA ALA B 97 2.94 0.47 12.45
C ALA B 97 3.47 -0.96 12.49
N VAL B 98 2.67 -1.86 13.08
CA VAL B 98 2.91 -3.29 12.98
C VAL B 98 2.38 -3.77 11.64
N THR B 99 3.22 -4.48 10.89
CA THR B 99 2.89 -4.91 9.53
C THR B 99 2.57 -6.39 9.42
N SER B 100 3.03 -7.20 10.37
CA SER B 100 2.92 -8.65 10.26
C SER B 100 3.09 -9.25 11.65
N LEU B 101 2.52 -10.43 11.85
CA LEU B 101 2.65 -11.10 13.14
C LEU B 101 2.36 -12.59 12.96
N GLN B 102 2.85 -13.37 13.93
CA GLN B 102 2.55 -14.78 14.07
C GLN B 102 2.74 -15.14 15.54
N PHE B 103 1.95 -16.09 16.04
CA PHE B 103 2.08 -16.51 17.42
C PHE B 103 1.86 -18.01 17.55
N ASN B 104 2.38 -18.56 18.65
CA ASN B 104 2.03 -19.90 19.10
C ASN B 104 1.54 -19.82 20.54
N ASP B 105 1.57 -20.95 21.27
CA ASP B 105 1.05 -20.94 22.63
C ASP B 105 1.96 -20.21 23.61
N ASN B 106 3.16 -19.84 23.21
CA ASN B 106 4.11 -19.21 24.13
C ASN B 106 4.51 -17.79 23.75
N ILE B 107 4.70 -17.51 22.46
CA ILE B 107 5.31 -16.25 22.05
C ILE B 107 4.54 -15.64 20.88
N VAL B 108 4.67 -14.32 20.78
CA VAL B 108 4.23 -13.56 19.60
C VAL B 108 5.47 -12.99 18.94
N VAL B 109 5.49 -12.99 17.60
CA VAL B 109 6.56 -12.37 16.83
C VAL B 109 5.90 -11.34 15.90
N SER B 110 6.36 -10.10 15.98
CA SER B 110 5.78 -9.00 15.21
C SER B 110 6.83 -8.29 14.37
N GLY B 111 6.40 -7.79 13.22
CA GLY B 111 7.25 -6.98 12.36
C GLY B 111 6.64 -5.61 12.17
N SER B 112 7.49 -4.61 11.95
CA SER B 112 7.04 -3.22 12.02
C SER B 112 7.74 -2.36 10.98
N ASP B 113 7.07 -1.25 10.64
CA ASP B 113 7.68 -0.19 9.83
C ASP B 113 8.90 0.43 10.48
N ASP B 114 9.13 0.17 11.78
CA ASP B 114 10.32 0.73 12.44
C ASP B 114 11.57 -0.07 12.14
N SER B 115 11.48 -1.08 11.28
CA SER B 115 12.57 -1.94 10.75
C SER B 115 12.95 -3.06 11.71
N THR B 116 12.25 -3.25 12.81
CA THR B 116 12.61 -4.29 13.77
C THR B 116 11.57 -5.40 13.78
N VAL B 117 11.99 -6.54 14.31
CA VAL B 117 11.11 -7.65 14.68
C VAL B 117 11.20 -7.80 16.20
N LYS B 118 10.07 -7.96 16.85
CA LYS B 118 10.04 -8.14 18.29
C LYS B 118 9.43 -9.48 18.66
N VAL B 119 9.98 -10.10 19.69
CA VAL B 119 9.50 -11.37 20.24
C VAL B 119 8.91 -11.09 21.61
N TRP B 120 7.67 -11.54 21.83
CA TRP B 120 6.93 -11.23 23.04
C TRP B 120 6.48 -12.49 23.75
N ASP B 121 6.44 -12.44 25.08
CA ASP B 121 5.75 -13.46 25.86
C ASP B 121 4.25 -13.21 25.78
N ILE B 122 3.51 -14.17 25.24
CA ILE B 122 2.08 -13.93 25.01
C ILE B 122 1.29 -13.98 26.32
N LYS B 123 1.77 -14.70 27.33
CA LYS B 123 1.04 -14.79 28.59
C LYS B 123 1.16 -13.50 29.39
N THR B 124 2.33 -12.86 29.35
CA THR B 124 2.59 -11.67 30.15
C THR B 124 2.58 -10.39 29.35
N GLY B 125 2.67 -10.47 28.02
CA GLY B 125 2.78 -9.30 27.18
C GLY B 125 4.16 -8.66 27.16
N GLN B 126 5.15 -9.28 27.79
CA GLN B 126 6.48 -8.68 27.91
C GLN B 126 7.29 -8.95 26.65
N SER B 127 7.93 -7.90 26.13
CA SER B 127 8.87 -8.08 25.03
C SER B 127 10.12 -8.79 25.55
N LEU B 128 10.52 -9.85 24.85
CA LEU B 128 11.68 -10.63 25.22
C LEU B 128 12.93 -10.24 24.45
N ARG B 129 12.79 -9.88 23.18
CA ARG B 129 13.94 -9.51 22.37
C ARG B 129 13.48 -8.66 21.20
N THR B 130 14.34 -7.73 20.79
CA THR B 130 14.14 -6.92 19.60
C THR B 130 15.22 -7.28 18.60
N LEU B 131 14.80 -7.72 17.41
CA LEU B 131 15.72 -8.14 16.36
C LEU B 131 16.03 -6.93 15.49
N GLN B 132 17.24 -6.40 15.63
CA GLN B 132 17.67 -5.21 14.92
C GLN B 132 18.69 -5.56 13.85
N GLY B 133 18.54 -4.95 12.68
CA GLY B 133 19.42 -5.26 11.56
C GLY B 133 18.92 -4.76 10.22
N HIS B 134 17.62 -4.90 9.97
CA HIS B 134 17.05 -4.39 8.73
C HIS B 134 17.18 -2.87 8.67
N GLN B 135 17.35 -2.36 7.45
CA GLN B 135 17.55 -0.93 7.25
C GLN B 135 16.26 -0.17 6.96
N SER B 136 15.16 -0.88 6.73
CA SER B 136 13.86 -0.26 6.52
C SER B 136 12.78 -1.25 6.93
N ALA B 137 11.53 -0.92 6.65
CA ALA B 137 10.38 -1.62 7.22
C ALA B 137 10.45 -3.13 7.01
N VAL B 138 10.02 -3.87 8.02
CA VAL B 138 9.78 -5.31 7.87
C VAL B 138 8.40 -5.50 7.26
N THR B 139 8.34 -6.29 6.20
CA THR B 139 7.09 -6.50 5.46
C THR B 139 6.46 -7.86 5.72
N SER B 140 7.23 -8.84 6.16
CA SER B 140 6.76 -10.21 6.25
C SER B 140 7.65 -10.98 7.21
N LEU B 141 7.09 -12.00 7.84
CA LEU B 141 7.86 -12.82 8.77
C LEU B 141 7.20 -14.17 8.94
N GLN B 142 8.00 -15.11 9.46
CA GLN B 142 7.55 -16.43 9.88
C GLN B 142 8.56 -16.94 10.89
N PHE B 143 8.10 -17.76 11.84
CA PHE B 143 9.03 -18.30 12.84
C PHE B 143 8.64 -19.73 13.19
N ASN B 144 9.59 -20.42 13.83
CA ASN B 144 9.33 -21.70 14.47
C ASN B 144 10.01 -21.66 15.84
N ASP B 145 10.30 -22.85 16.38
CA ASP B 145 10.86 -22.93 17.73
C ASP B 145 12.29 -22.44 17.81
N ASN B 146 13.02 -22.39 16.69
CA ASN B 146 14.43 -22.02 16.68
C ASN B 146 14.72 -20.67 16.06
N ILE B 147 14.04 -20.33 14.97
CA ILE B 147 14.47 -19.21 14.14
C ILE B 147 13.28 -18.34 13.74
N VAL B 148 13.60 -17.10 13.39
CA VAL B 148 12.69 -16.16 12.75
C VAL B 148 13.26 -15.84 11.38
N VAL B 149 12.39 -15.76 10.37
CA VAL B 149 12.77 -15.35 9.02
C VAL B 149 11.95 -14.12 8.67
N SER B 150 12.63 -13.04 8.29
CA SER B 150 11.98 -11.75 8.05
C SER B 150 12.36 -11.21 6.68
N GLY B 151 11.42 -10.50 6.07
CA GLY B 151 11.66 -9.80 4.81
C GLY B 151 11.41 -8.32 4.99
N SER B 152 12.11 -7.51 4.19
CA SER B 152 12.14 -6.08 4.44
C SER B 152 12.16 -5.29 3.15
N ASP B 153 11.73 -4.03 3.26
CA ASP B 153 11.85 -3.07 2.17
C ASP B 153 13.31 -2.79 1.82
N ASP B 154 14.27 -3.24 2.62
CA ASP B 154 15.69 -3.06 2.28
C ASP B 154 16.19 -4.10 1.29
N SER B 155 15.29 -4.94 0.76
CA SER B 155 15.48 -5.96 -0.27
C SER B 155 16.12 -7.24 0.26
N THR B 156 16.30 -7.38 1.57
CA THR B 156 16.94 -8.58 2.12
C THR B 156 15.96 -9.43 2.91
N VAL B 157 16.34 -10.69 3.07
CA VAL B 157 15.73 -11.61 4.02
C VAL B 157 16.77 -11.91 5.09
N LYS B 158 16.35 -11.92 6.35
CA LYS B 158 17.25 -12.20 7.46
C LYS B 158 16.73 -13.41 8.24
N VAL B 159 17.68 -14.24 8.69
CA VAL B 159 17.39 -15.40 9.53
C VAL B 159 17.95 -15.10 10.92
N TRP B 160 17.12 -15.29 11.95
CA TRP B 160 17.47 -14.88 13.30
C TRP B 160 17.41 -16.07 14.25
N ASP B 161 18.28 -16.03 15.26
CA ASP B 161 18.20 -16.97 16.38
C ASP B 161 17.20 -16.40 17.38
N ILE B 162 16.05 -17.07 17.53
CA ILE B 162 14.96 -16.51 18.30
C ILE B 162 15.23 -16.53 19.80
N LYS B 163 16.17 -17.37 20.25
CA LYS B 163 16.54 -17.42 21.66
C LYS B 163 17.54 -16.34 22.03
N THR B 164 18.55 -16.12 21.19
CA THR B 164 19.58 -15.12 21.47
C THR B 164 19.25 -13.76 20.88
N GLY B 165 18.39 -13.69 19.86
CA GLY B 165 18.10 -12.45 19.19
C GLY B 165 19.14 -12.02 18.19
N GLN B 166 20.12 -12.86 17.89
CA GLN B 166 21.21 -12.52 16.98
C GLN B 166 20.83 -12.86 15.55
N SER B 167 21.24 -11.99 14.62
CA SER B 167 21.09 -12.28 13.20
C SER B 167 22.07 -13.38 12.80
N LEU B 168 21.54 -14.46 12.23
CA LEU B 168 22.41 -15.57 11.84
C LEU B 168 22.99 -15.35 10.45
N ARG B 169 22.17 -14.90 9.50
CA ARG B 169 22.66 -14.64 8.16
C ARG B 169 21.67 -13.73 7.45
N THR B 170 22.18 -13.03 6.44
CA THR B 170 21.39 -12.10 5.64
C THR B 170 21.40 -12.60 4.21
N LEU B 171 20.21 -12.75 3.63
CA LEU B 171 20.03 -13.33 2.30
C LEU B 171 19.85 -12.18 1.32
N GLN B 172 20.90 -11.91 0.54
CA GLN B 172 20.92 -10.78 -0.38
C GLN B 172 20.88 -11.29 -1.82
N GLY B 173 20.14 -10.57 -2.66
CA GLY B 173 19.98 -10.98 -4.05
C GLY B 173 18.85 -10.24 -4.74
N HIS B 174 17.75 -10.02 -4.03
CA HIS B 174 16.66 -9.23 -4.58
C HIS B 174 17.13 -7.80 -4.81
N GLN B 175 16.58 -7.17 -5.84
CA GLN B 175 16.97 -5.83 -6.23
C GLN B 175 16.02 -4.76 -5.71
N SER B 176 14.92 -5.16 -5.09
CA SER B 176 14.00 -4.24 -4.43
C SER B 176 13.29 -4.99 -3.31
N ALA B 177 12.29 -4.33 -2.71
CA ALA B 177 11.69 -4.79 -1.46
C ALA B 177 11.20 -6.23 -1.54
N VAL B 178 11.42 -6.98 -0.46
CA VAL B 178 10.80 -8.29 -0.28
C VAL B 178 9.38 -8.08 0.21
N THR B 179 8.42 -8.71 -0.47
CA THR B 179 7.00 -8.52 -0.17
C THR B 179 6.38 -9.71 0.55
N SER B 180 6.97 -10.89 0.45
CA SER B 180 6.35 -12.10 0.97
C SER B 180 7.43 -13.16 1.14
N LEU B 181 7.17 -14.10 2.04
CA LEU B 181 8.12 -15.18 2.27
C LEU B 181 7.42 -16.35 2.96
N GLN B 182 8.05 -17.51 2.83
CA GLN B 182 7.66 -18.73 3.53
C GLN B 182 8.90 -19.61 3.64
N PHE B 183 8.98 -20.38 4.72
CA PHE B 183 10.13 -21.29 4.87
C PHE B 183 9.69 -22.59 5.53
N ASN B 184 10.53 -23.61 5.38
CA ASN B 184 10.39 -24.86 6.12
C ASN B 184 11.78 -25.19 6.68
N ASP B 185 12.00 -26.46 7.02
CA ASP B 185 13.28 -26.85 7.61
C ASP B 185 14.44 -26.75 6.62
N ASN B 186 14.16 -26.72 5.32
CA ASN B 186 15.21 -26.77 4.31
C ASN B 186 15.44 -25.43 3.62
N ILE B 187 14.38 -24.75 3.20
CA ILE B 187 14.51 -23.64 2.27
C ILE B 187 13.66 -22.45 2.71
N VAL B 188 14.03 -21.28 2.18
CA VAL B 188 13.23 -20.07 2.24
C VAL B 188 12.83 -19.72 0.81
N VAL B 189 11.59 -19.27 0.64
CA VAL B 189 11.09 -18.79 -0.64
C VAL B 189 10.61 -17.36 -0.44
N SER B 190 11.14 -16.42 -1.22
CA SER B 190 10.84 -15.01 -1.07
C SER B 190 10.32 -14.42 -2.38
N GLY B 191 9.41 -13.46 -2.26
CA GLY B 191 8.90 -12.71 -3.39
C GLY B 191 9.22 -11.24 -3.23
N SER B 192 9.38 -10.54 -4.36
CA SER B 192 9.95 -9.20 -4.33
C SER B 192 9.29 -8.30 -5.36
N ASP B 193 9.38 -6.99 -5.09
CA ASP B 193 8.98 -5.98 -6.07
C ASP B 193 9.84 -6.01 -7.33
N ASP B 194 10.95 -6.76 -7.34
CA ASP B 194 11.78 -6.87 -8.54
C ASP B 194 11.23 -7.87 -9.55
N SER B 195 10.05 -8.44 -9.27
CA SER B 195 9.25 -9.36 -10.11
C SER B 195 9.72 -10.80 -10.04
N THR B 196 10.69 -11.13 -9.19
CA THR B 196 11.19 -12.49 -9.11
C THR B 196 10.79 -13.15 -7.79
N VAL B 197 10.88 -14.48 -7.79
CA VAL B 197 10.81 -15.30 -6.60
C VAL B 197 12.16 -16.00 -6.47
N LYS B 198 12.73 -15.99 -5.26
CA LYS B 198 14.01 -16.65 -5.03
C LYS B 198 13.86 -17.76 -4.00
N VAL B 199 14.57 -18.86 -4.24
CA VAL B 199 14.61 -20.01 -3.34
C VAL B 199 15.99 -20.06 -2.71
N TRP B 200 16.04 -20.16 -1.38
CA TRP B 200 17.28 -20.06 -0.62
C TRP B 200 17.48 -21.28 0.26
N ASP B 201 18.74 -21.68 0.43
CA ASP B 201 19.12 -22.64 1.45
C ASP B 201 19.13 -21.93 2.80
N ILE B 202 18.25 -22.36 3.71
CA ILE B 202 18.12 -21.65 4.99
C ILE B 202 19.32 -21.89 5.89
N LYS B 203 20.02 -23.01 5.73
CA LYS B 203 21.17 -23.30 6.59
C LYS B 203 22.37 -22.48 6.19
N THR B 204 22.57 -22.28 4.88
CA THR B 204 23.75 -21.58 4.38
C THR B 204 23.46 -20.14 3.93
N GLY B 205 22.19 -19.80 3.74
CA GLY B 205 21.84 -18.49 3.20
C GLY B 205 22.05 -18.36 1.71
N GLN B 206 22.40 -19.43 1.02
CA GLN B 206 22.72 -19.36 -0.40
C GLN B 206 21.47 -19.43 -1.24
N SER B 207 21.35 -18.50 -2.20
CA SER B 207 20.26 -18.59 -3.15
C SER B 207 20.49 -19.79 -4.07
N LEU B 208 19.43 -20.58 -4.26
CA LEU B 208 19.50 -21.78 -5.08
C LEU B 208 18.91 -21.57 -6.47
N ARG B 209 17.78 -20.87 -6.56
CA ARG B 209 17.09 -20.63 -7.82
C ARG B 209 16.47 -19.25 -7.79
N THR B 210 16.45 -18.60 -8.95
CA THR B 210 15.71 -17.37 -9.16
C THR B 210 14.63 -17.64 -10.19
N LEU B 211 13.36 -17.48 -9.79
CA LEU B 211 12.21 -17.77 -10.65
C LEU B 211 11.84 -16.50 -11.39
N GLN B 212 12.17 -16.44 -12.68
CA GLN B 212 11.94 -15.27 -13.51
C GLN B 212 10.83 -15.54 -14.50
N GLY B 213 9.96 -14.55 -14.68
CA GLY B 213 8.81 -14.72 -15.56
C GLY B 213 7.75 -13.66 -15.38
N HIS B 214 7.45 -13.29 -14.14
CA HIS B 214 6.47 -12.24 -13.88
C HIS B 214 6.97 -10.92 -14.46
N GLN B 215 6.03 -10.08 -14.88
CA GLN B 215 6.37 -8.82 -15.52
C GLN B 215 6.37 -7.65 -14.56
N SER B 216 5.89 -7.83 -13.33
CA SER B 216 5.92 -6.80 -12.31
C SER B 216 5.94 -7.49 -10.95
N ALA B 217 5.78 -6.70 -9.88
CA ALA B 217 6.07 -7.16 -8.53
C ALA B 217 5.32 -8.44 -8.18
N VAL B 218 6.00 -9.32 -7.44
CA VAL B 218 5.35 -10.46 -6.82
C VAL B 218 4.71 -10.00 -5.52
N THR B 219 3.42 -10.31 -5.35
CA THR B 219 2.66 -9.85 -4.20
C THR B 219 2.41 -10.94 -3.16
N SER B 220 2.46 -12.21 -3.56
CA SER B 220 2.05 -13.30 -2.69
C SER B 220 2.67 -14.59 -3.21
N LEU B 221 2.88 -15.54 -2.31
CA LEU B 221 3.44 -16.82 -2.70
C LEU B 221 3.09 -17.88 -1.66
N GLN B 222 3.19 -19.14 -2.09
CA GLN B 222 3.10 -20.31 -1.23
C GLN B 222 3.86 -21.42 -1.92
N PHE B 223 4.41 -22.34 -1.13
CA PHE B 223 5.16 -23.43 -1.75
C PHE B 223 4.98 -24.73 -0.95
N ASN B 224 5.16 -25.85 -1.64
N ASN B 224 5.09 -25.84 -1.66
CA ASN B 224 5.28 -27.14 -0.97
CA ASN B 224 5.18 -27.17 -1.07
C ASN B 224 6.60 -27.78 -1.34
C ASN B 224 6.54 -27.76 -1.40
N ASP B 225 6.66 -29.12 -1.32
N ASP B 225 6.67 -29.09 -1.34
CA ASP B 225 7.92 -29.79 -1.63
CA ASP B 225 7.95 -29.72 -1.64
C ASP B 225 8.25 -29.74 -3.11
C ASP B 225 8.26 -29.65 -3.13
N ASN B 226 7.23 -29.72 -3.98
CA ASN B 226 7.45 -29.75 -5.43
C ASN B 226 7.38 -28.37 -6.07
N ILE B 227 6.41 -27.54 -5.69
CA ILE B 227 6.07 -26.39 -6.51
C ILE B 227 6.02 -25.12 -5.67
N VAL B 228 6.19 -24.00 -6.37
CA VAL B 228 5.91 -22.66 -5.86
C VAL B 228 4.75 -22.09 -6.65
N VAL B 229 3.85 -21.40 -5.97
CA VAL B 229 2.75 -20.69 -6.60
C VAL B 229 2.87 -19.22 -6.22
N SER B 230 2.94 -18.33 -7.22
CA SER B 230 3.17 -16.91 -7.00
C SER B 230 2.09 -16.08 -7.67
N GLY B 231 1.76 -14.95 -7.05
CA GLY B 231 0.85 -13.98 -7.65
C GLY B 231 1.56 -12.65 -7.82
N SER B 232 1.11 -11.88 -8.81
CA SER B 232 1.87 -10.71 -9.23
C SER B 232 0.96 -9.55 -9.63
N ASP B 233 1.54 -8.35 -9.57
CA ASP B 233 0.87 -7.17 -10.10
C ASP B 233 0.63 -7.25 -11.60
N ASP B 234 1.20 -8.24 -12.30
CA ASP B 234 0.95 -8.40 -13.72
C ASP B 234 -0.35 -9.13 -14.01
N SER B 235 -1.15 -9.41 -12.97
CA SER B 235 -2.48 -10.03 -12.98
C SER B 235 -2.45 -11.54 -13.15
N THR B 236 -1.29 -12.17 -13.14
CA THR B 236 -1.20 -13.61 -13.33
C THR B 236 -0.78 -14.33 -12.05
N VAL B 237 -1.09 -15.62 -12.03
CA VAL B 237 -0.53 -16.56 -11.05
C VAL B 237 0.35 -17.53 -11.83
N LYS B 238 1.53 -17.83 -11.27
CA LYS B 238 2.46 -18.75 -11.92
C LYS B 238 2.75 -19.92 -10.99
N VAL B 239 2.86 -21.12 -11.59
CA VAL B 239 3.23 -22.34 -10.88
C VAL B 239 4.62 -22.74 -11.35
N TRP B 240 5.51 -23.00 -10.40
CA TRP B 240 6.93 -23.22 -10.69
C TRP B 240 7.36 -24.59 -10.19
N ASP B 241 8.33 -25.17 -10.88
CA ASP B 241 9.02 -26.37 -10.41
C ASP B 241 10.16 -25.91 -9.51
N ILE B 242 10.04 -26.18 -8.21
CA ILE B 242 10.96 -25.61 -7.23
C ILE B 242 12.36 -26.21 -7.35
N LYS B 243 12.48 -27.39 -7.96
CA LYS B 243 13.78 -28.04 -8.11
C LYS B 243 14.51 -27.52 -9.35
N THR B 244 13.82 -27.42 -10.49
CA THR B 244 14.43 -26.95 -11.71
C THR B 244 14.40 -25.43 -11.84
N GLY B 245 13.46 -24.76 -11.19
CA GLY B 245 13.34 -23.33 -11.28
C GLY B 245 12.61 -22.83 -12.50
N GLN B 246 11.94 -23.70 -13.25
CA GLN B 246 11.26 -23.32 -14.47
C GLN B 246 9.77 -23.12 -14.23
N SER B 247 9.19 -22.22 -15.01
CA SER B 247 7.76 -21.98 -14.96
C SER B 247 7.01 -23.14 -15.59
N LEU B 248 6.09 -23.75 -14.83
CA LEU B 248 5.31 -24.87 -15.34
C LEU B 248 4.10 -24.38 -16.13
N ARG B 249 3.37 -23.40 -15.59
CA ARG B 249 2.22 -22.85 -16.30
C ARG B 249 1.89 -21.49 -15.70
N THR B 250 1.20 -20.68 -16.51
CA THR B 250 0.78 -19.35 -16.11
C THR B 250 -0.74 -19.29 -16.14
N LEU B 251 -1.34 -18.88 -15.02
CA LEU B 251 -2.79 -18.85 -14.86
C LEU B 251 -3.27 -17.43 -15.16
N GLN B 252 -3.88 -17.24 -16.32
CA GLN B 252 -4.35 -15.94 -16.76
C GLN B 252 -5.86 -15.89 -16.72
N GLY B 253 -6.38 -14.74 -16.31
CA GLY B 253 -7.82 -14.57 -16.18
C GLY B 253 -8.18 -13.31 -15.42
N HIS B 254 -7.45 -13.02 -14.34
CA HIS B 254 -7.68 -11.79 -13.61
C HIS B 254 -7.37 -10.58 -14.49
N GLN B 255 -8.12 -9.51 -14.29
CA GLN B 255 -7.98 -8.31 -15.10
C GLN B 255 -7.10 -7.25 -14.45
N SER B 256 -6.67 -7.46 -13.21
CA SER B 256 -5.74 -6.57 -12.54
C SER B 256 -4.96 -7.40 -11.52
N ALA B 257 -4.17 -6.71 -10.69
CA ALA B 257 -3.17 -7.37 -9.85
C ALA B 257 -3.77 -8.46 -8.98
N VAL B 258 -3.03 -9.57 -8.84
CA VAL B 258 -3.36 -10.59 -7.85
C VAL B 258 -2.82 -10.13 -6.50
N THR B 259 -3.69 -10.14 -5.49
CA THR B 259 -3.34 -9.64 -4.16
C THR B 259 -3.08 -10.74 -3.14
N SER B 260 -3.61 -11.94 -3.37
CA SER B 260 -3.57 -13.00 -2.37
C SER B 260 -3.80 -14.33 -3.06
N LEU B 261 -3.31 -15.40 -2.44
CA LEU B 261 -3.50 -16.73 -2.99
C LEU B 261 -3.28 -17.78 -1.91
N GLN B 262 -3.85 -18.96 -2.16
CA GLN B 262 -3.62 -20.15 -1.36
C GLN B 262 -3.85 -21.35 -2.26
N PHE B 263 -3.13 -22.44 -2.01
CA PHE B 263 -3.32 -23.64 -2.81
C PHE B 263 -3.16 -24.89 -1.95
N ASN B 264 -3.74 -25.98 -2.44
CA ASN B 264 -3.49 -27.31 -1.88
C ASN B 264 -3.08 -28.21 -3.04
N ASP B 265 -3.28 -29.52 -2.88
CA ASP B 265 -2.79 -30.46 -3.89
C ASP B 265 -3.59 -30.41 -5.18
N ASN B 266 -4.81 -29.88 -5.17
CA ASN B 266 -5.66 -29.86 -6.35
C ASN B 266 -5.96 -28.47 -6.88
N ILE B 267 -6.00 -27.46 -6.01
CA ILE B 267 -6.69 -26.21 -6.31
C ILE B 267 -5.79 -25.03 -5.94
N VAL B 268 -5.80 -24.00 -6.78
CA VAL B 268 -5.30 -22.67 -6.43
C VAL B 268 -6.50 -21.74 -6.31
N VAL B 269 -6.48 -20.89 -5.29
CA VAL B 269 -7.50 -19.86 -5.10
C VAL B 269 -6.78 -18.52 -5.04
N SER B 270 -7.18 -17.58 -5.89
CA SER B 270 -6.52 -16.29 -6.00
C SER B 270 -7.53 -15.16 -5.84
N GLY B 271 -7.07 -14.06 -5.25
CA GLY B 271 -7.86 -12.85 -5.12
C GLY B 271 -7.16 -11.70 -5.82
N SER B 272 -7.96 -10.75 -6.31
CA SER B 272 -7.44 -9.74 -7.23
C SER B 272 -8.06 -8.39 -6.99
N ASP B 273 -7.33 -7.35 -7.43
CA ASP B 273 -7.87 -5.99 -7.46
C ASP B 273 -9.06 -5.85 -8.41
N ASP B 274 -9.34 -6.86 -9.25
CA ASP B 274 -10.50 -6.81 -10.13
C ASP B 274 -11.80 -7.18 -9.43
N SER B 275 -11.75 -7.39 -8.10
CA SER B 275 -12.86 -7.67 -7.19
C SER B 275 -13.32 -9.12 -7.21
N THR B 276 -12.63 -10.01 -7.92
CA THR B 276 -13.06 -11.39 -8.00
C THR B 276 -12.08 -12.31 -7.29
N VAL B 277 -12.58 -13.51 -6.98
CA VAL B 277 -11.77 -14.64 -6.55
C VAL B 277 -11.90 -15.71 -7.62
N LYS B 278 -10.77 -16.30 -8.02
CA LYS B 278 -10.79 -17.35 -9.02
C LYS B 278 -10.24 -18.64 -8.44
N VAL B 279 -10.86 -19.76 -8.84
CA VAL B 279 -10.46 -21.09 -8.42
C VAL B 279 -9.89 -21.80 -9.63
N TRP B 280 -8.69 -22.38 -9.48
CA TRP B 280 -7.96 -22.95 -10.59
C TRP B 280 -7.58 -24.40 -10.30
N ASP B 281 -7.56 -25.20 -11.37
CA ASP B 281 -6.96 -26.53 -11.32
C ASP B 281 -5.46 -26.38 -11.40
N ILE B 282 -4.74 -26.83 -10.35
CA ILE B 282 -3.31 -26.59 -10.27
C ILE B 282 -2.52 -27.47 -11.25
N LYS B 283 -3.08 -28.62 -11.64
CA LYS B 283 -2.38 -29.51 -12.57
C LYS B 283 -2.47 -29.00 -14.00
N THR B 284 -3.63 -28.49 -14.40
CA THR B 284 -3.86 -28.06 -15.78
C THR B 284 -3.75 -26.55 -15.96
N GLY B 285 -3.80 -25.78 -14.88
CA GLY B 285 -3.80 -24.34 -14.99
C GLY B 285 -5.13 -23.74 -15.40
N GLN B 286 -6.18 -24.56 -15.50
CA GLN B 286 -7.47 -24.10 -15.98
C GLN B 286 -8.28 -23.47 -14.85
N SER B 287 -8.81 -22.28 -15.10
CA SER B 287 -9.75 -21.69 -14.15
C SER B 287 -11.03 -22.51 -14.14
N LEU B 288 -11.52 -22.82 -12.93
CA LEU B 288 -12.73 -23.60 -12.75
C LEU B 288 -13.95 -22.75 -12.43
N ARG B 289 -13.81 -21.78 -11.53
CA ARG B 289 -14.91 -20.89 -11.17
C ARG B 289 -14.36 -19.49 -10.95
N THR B 290 -15.21 -18.50 -11.24
CA THR B 290 -14.94 -17.11 -10.89
C THR B 290 -16.00 -16.65 -9.90
N LEU B 291 -15.58 -16.29 -8.70
CA LEU B 291 -16.48 -15.87 -7.63
C LEU B 291 -16.70 -14.37 -7.73
N GLN B 292 -17.88 -13.97 -8.19
CA GLN B 292 -18.21 -12.56 -8.39
C GLN B 292 -19.22 -12.11 -7.35
N GLY B 293 -19.02 -10.92 -6.81
CA GLY B 293 -19.91 -10.40 -5.79
C GLY B 293 -19.36 -9.18 -5.08
N HIS B 294 -18.07 -9.18 -4.79
CA HIS B 294 -17.46 -8.03 -4.14
C HIS B 294 -17.51 -6.81 -5.07
N GLN B 295 -17.62 -5.63 -4.47
CA GLN B 295 -17.75 -4.40 -5.24
C GLN B 295 -16.42 -3.70 -5.47
N SER B 296 -15.35 -4.16 -4.82
CA SER B 296 -14.02 -3.61 -5.03
C SER B 296 -13.01 -4.70 -4.69
N ALA B 297 -11.73 -4.31 -4.65
CA ALA B 297 -10.63 -5.28 -4.63
C ALA B 297 -10.78 -6.30 -3.52
N VAL B 298 -10.41 -7.55 -3.83
CA VAL B 298 -10.23 -8.57 -2.79
C VAL B 298 -8.86 -8.40 -2.18
N THR B 299 -8.81 -8.33 -0.85
CA THR B 299 -7.56 -8.08 -0.13
C THR B 299 -7.00 -9.32 0.54
N SER B 300 -7.85 -10.30 0.84
CA SER B 300 -7.43 -11.44 1.65
C SER B 300 -8.38 -12.59 1.37
N LEU B 301 -7.88 -13.81 1.55
CA LEU B 301 -8.73 -14.99 1.36
C LEU B 301 -8.13 -16.17 2.09
N GLN B 302 -9.00 -17.16 2.33
CA GLN B 302 -8.64 -18.46 2.85
C GLN B 302 -9.69 -19.44 2.37
N PHE B 303 -9.29 -20.70 2.19
CA PHE B 303 -10.24 -21.72 1.74
C PHE B 303 -9.90 -23.06 2.38
N ASN B 304 -10.92 -23.91 2.49
CA ASN B 304 -10.73 -25.32 2.78
C ASN B 304 -11.38 -26.13 1.67
N ASP B 305 -11.74 -27.38 1.95
CA ASP B 305 -12.30 -28.24 0.91
C ASP B 305 -13.68 -27.75 0.46
N ASN B 306 -14.46 -27.16 1.36
CA ASN B 306 -15.83 -26.80 1.04
C ASN B 306 -15.99 -25.35 0.61
N ILE B 307 -15.37 -24.41 1.33
CA ILE B 307 -15.74 -23.01 1.21
C ILE B 307 -14.51 -22.14 0.98
N VAL B 308 -14.76 -20.97 0.42
CA VAL B 308 -13.79 -19.87 0.34
C VAL B 308 -14.32 -18.72 1.16
N VAL B 309 -13.44 -18.07 1.91
CA VAL B 309 -13.78 -16.87 2.67
C VAL B 309 -12.88 -15.74 2.15
N SER B 310 -13.49 -14.64 1.75
CA SER B 310 -12.77 -13.52 1.15
C SER B 310 -13.10 -12.22 1.86
N GLY B 311 -12.12 -11.32 1.91
CA GLY B 311 -12.32 -9.97 2.43
C GLY B 311 -11.99 -8.97 1.35
N SER B 312 -12.61 -7.79 1.45
CA SER B 312 -12.57 -6.85 0.32
C SER B 312 -12.52 -5.41 0.80
N ASP B 313 -12.04 -4.54 -0.10
CA ASP B 313 -12.11 -3.10 0.13
C ASP B 313 -13.54 -2.60 0.24
N ASP B 314 -14.53 -3.41 -0.11
CA ASP B 314 -15.92 -2.98 0.01
C ASP B 314 -16.45 -3.12 1.43
N SER B 315 -15.58 -3.47 2.39
CA SER B 315 -15.81 -3.60 3.83
C SER B 315 -16.52 -4.89 4.22
N THR B 316 -16.73 -5.82 3.29
CA THR B 316 -17.44 -7.05 3.60
C THR B 316 -16.51 -8.26 3.57
N VAL B 317 -16.95 -9.31 4.26
CA VAL B 317 -16.40 -10.65 4.12
C VAL B 317 -17.48 -11.51 3.48
N LYS B 318 -17.09 -12.32 2.49
CA LYS B 318 -18.03 -13.20 1.81
C LYS B 318 -17.61 -14.65 1.97
N VAL B 319 -18.61 -15.52 2.13
CA VAL B 319 -18.41 -16.97 2.22
C VAL B 319 -18.98 -17.59 0.96
N TRP B 320 -18.17 -18.42 0.29
CA TRP B 320 -18.53 -18.97 -1.01
C TRP B 320 -18.53 -20.49 -0.97
N ASP B 321 -19.40 -21.09 -1.77
CA ASP B 321 -19.37 -22.52 -2.03
C ASP B 321 -18.36 -22.77 -3.15
N ILE B 322 -17.22 -23.38 -2.82
CA ILE B 322 -16.15 -23.53 -3.79
C ILE B 322 -16.54 -24.47 -4.93
N LYS B 323 -17.57 -25.29 -4.74
CA LYS B 323 -18.01 -26.21 -5.79
C LYS B 323 -19.04 -25.54 -6.69
#